data_1FSU
#
_entry.id   1FSU
#
_cell.length_a   107.000
_cell.length_b   107.000
_cell.length_c   144.830
_cell.angle_alpha   90.00
_cell.angle_beta   90.00
_cell.angle_gamma   90.00
#
_symmetry.space_group_name_H-M   'P 41 21 2'
#
loop_
_entity.id
_entity.type
_entity.pdbx_description
1 polymer N-ACETYLGALACTOSAMINE-4-SULFATASE
2 branched 2-acetamido-2-deoxy-beta-D-glucopyranose-(1-4)-2-acetamido-2-deoxy-beta-D-glucopyranose
3 non-polymer 'CALCIUM ION'
4 non-polymer 'CHLORIDE ION'
5 water water
#
_entity_poly.entity_id   1
_entity_poly.type   'polypeptide(L)'
_entity_poly.pdbx_seq_one_letter_code
;SRPPHLVFLLADDLGWNDVGFHGSRIRTPHLDALAAGGVLLDNYYTQPL(ALS)TPSRSQLLTGRYQIRTGLQHQIIWPC
QPSCVPLDEKLLPQLLKEAGYTTHMVGKWHLGMYRKECLPTRRGFDTYFGYLLGSEDYYSHERCTLIDALNVTRCALDFR
DGEEVATGYKNMYSTNIFTKRAIALITNHPPEKPLFLYLALQSVHEPLQVPEEYLKPYDFIQDKNRHHYAGMVSLMDEAV
GNVTAALKSSGLWNNTVFIFSTDNGGQTLAGGNNWPLRGRKWSLWEGGVRGVGFVASPLLKQKGVKNRELIHISDWLPTL
VKLARGHTNGTKPLDGFDVWKTISEGSPSPRIELLHNIDPNFVDSSPCPRNSMAPAKDDSSLPEYSAFNTSVHAAIRHGN
WKLLTGYPGCGYWFPPPSQYNVSEIPSSDPPTKTLWLFDIDRDPEERHDLSREYPHIVTKLLSRLQFYHKHSVPVYFPAQ
DPRCDPKATGVWGPWM
;
_entity_poly.pdbx_strand_id   A
#
loop_
_chem_comp.id
_chem_comp.type
_chem_comp.name
_chem_comp.formula
CA non-polymer 'CALCIUM ION' 'Ca 2'
CL non-polymer 'CHLORIDE ION' 'Cl -1'
NAG D-saccharide, beta linking 2-acetamido-2-deoxy-beta-D-glucopyranose 'C8 H15 N O6'
#
# COMPACT_ATOMS: atom_id res chain seq x y z
N SER A 1 4.22 -31.89 -5.15
CA SER A 1 3.35 -30.69 -5.29
C SER A 1 3.87 -29.68 -6.31
N ARG A 2 2.99 -28.80 -6.73
CA ARG A 2 3.33 -27.74 -7.67
C ARG A 2 3.40 -26.46 -6.84
N PRO A 3 4.13 -25.43 -7.33
CA PRO A 3 4.23 -24.17 -6.59
C PRO A 3 2.80 -23.64 -6.42
N PRO A 4 2.52 -22.95 -5.30
CA PRO A 4 1.18 -22.43 -5.08
C PRO A 4 0.83 -21.26 -6.01
N HIS A 5 -0.46 -21.01 -6.15
CA HIS A 5 -0.89 -19.87 -6.94
C HIS A 5 -0.75 -18.75 -5.92
N LEU A 6 -0.15 -17.63 -6.33
CA LEU A 6 0.04 -16.51 -5.44
C LEU A 6 -0.87 -15.35 -5.88
N VAL A 7 -1.80 -14.98 -5.01
CA VAL A 7 -2.75 -13.90 -5.30
C VAL A 7 -2.58 -12.78 -4.27
N PHE A 8 -2.18 -11.61 -4.74
CA PHE A 8 -1.98 -10.46 -3.86
C PHE A 8 -2.98 -9.34 -4.14
N LEU A 9 -3.89 -9.12 -3.20
CA LEU A 9 -4.89 -8.07 -3.33
C LEU A 9 -4.47 -6.87 -2.49
N LEU A 10 -4.13 -5.77 -3.17
CA LEU A 10 -3.70 -4.55 -2.52
C LEU A 10 -4.80 -3.47 -2.52
N ALA A 11 -5.32 -3.15 -1.33
CA ALA A 11 -6.34 -2.11 -1.20
C ALA A 11 -5.67 -0.75 -1.10
N ASP A 12 -6.36 0.28 -1.57
CA ASP A 12 -5.87 1.65 -1.58
C ASP A 12 -6.46 2.51 -0.45
N ASP A 13 -5.61 2.99 0.45
CA ASP A 13 -6.01 3.86 1.57
C ASP A 13 -6.92 3.26 2.64
N LEU A 14 -6.82 1.96 2.88
CA LEU A 14 -7.64 1.33 3.90
C LEU A 14 -7.03 1.61 5.28
N GLY A 15 -7.79 2.30 6.13
CA GLY A 15 -7.32 2.64 7.45
C GLY A 15 -7.46 1.54 8.48
N TRP A 16 -6.68 1.63 9.54
CA TRP A 16 -6.68 0.63 10.61
C TRP A 16 -8.06 0.34 11.22
N ASN A 17 -8.90 1.37 11.32
CA ASN A 17 -10.24 1.23 11.90
C ASN A 17 -11.31 1.19 10.80
N ASP A 18 -10.96 0.60 9.65
CA ASP A 18 -11.89 0.52 8.54
C ASP A 18 -12.33 -0.89 8.20
N VAL A 19 -11.95 -1.85 9.06
CA VAL A 19 -12.32 -3.24 8.90
C VAL A 19 -13.01 -3.71 10.18
N GLY A 20 -14.07 -4.49 10.01
CA GLY A 20 -14.83 -5.00 11.15
C GLY A 20 -14.00 -5.74 12.18
N PHE A 21 -12.92 -6.39 11.75
CA PHE A 21 -12.09 -7.12 12.68
C PHE A 21 -11.15 -6.27 13.54
N HIS A 22 -11.29 -4.95 13.42
CA HIS A 22 -10.51 -4.01 14.22
C HIS A 22 -11.45 -3.13 15.01
N GLY A 23 -12.73 -3.51 15.02
CA GLY A 23 -13.74 -2.76 15.76
C GLY A 23 -14.36 -1.62 14.98
N SER A 24 -14.30 -1.69 13.66
CA SER A 24 -14.88 -0.65 12.82
C SER A 24 -16.40 -0.77 12.74
N ARG A 25 -17.07 0.36 12.57
CA ARG A 25 -18.51 0.35 12.44
C ARG A 25 -18.85 0.06 10.98
N ILE A 26 -17.81 -0.07 10.15
CA ILE A 26 -17.97 -0.39 8.74
C ILE A 26 -18.03 -1.91 8.69
N ARG A 27 -19.01 -2.44 7.96
CA ARG A 27 -19.21 -3.88 7.84
C ARG A 27 -18.36 -4.49 6.73
N THR A 28 -17.45 -5.37 7.11
CA THR A 28 -16.58 -6.05 6.16
C THR A 28 -16.64 -7.56 6.42
N PRO A 29 -17.81 -8.18 6.18
CA PRO A 29 -18.10 -9.60 6.37
C PRO A 29 -17.06 -10.58 5.80
N HIS A 30 -16.75 -10.44 4.52
CA HIS A 30 -15.82 -11.32 3.85
C HIS A 30 -14.38 -11.19 4.32
N LEU A 31 -13.94 -9.97 4.57
CA LEU A 31 -12.58 -9.73 5.04
C LEU A 31 -12.44 -10.30 6.45
N ASP A 32 -13.48 -10.13 7.26
CA ASP A 32 -13.47 -10.65 8.62
C ASP A 32 -13.36 -12.16 8.61
N ALA A 33 -14.12 -12.80 7.72
CA ALA A 33 -14.13 -14.26 7.62
C ALA A 33 -12.81 -14.81 7.14
N LEU A 34 -12.25 -14.18 6.11
CA LEU A 34 -10.97 -14.59 5.54
C LEU A 34 -9.84 -14.40 6.55
N ALA A 35 -9.93 -13.32 7.31
CA ALA A 35 -8.94 -13.03 8.34
C ALA A 35 -9.10 -14.04 9.47
N ALA A 36 -10.34 -14.32 9.85
CA ALA A 36 -10.63 -15.28 10.94
C ALA A 36 -10.14 -16.69 10.63
N GLY A 37 -10.21 -17.10 9.36
CA GLY A 37 -9.77 -18.44 9.00
C GLY A 37 -8.32 -18.52 8.57
N GLY A 38 -7.60 -17.39 8.65
CA GLY A 38 -6.20 -17.40 8.26
C GLY A 38 -5.30 -16.83 9.34
N VAL A 39 -4.35 -16.00 8.93
CA VAL A 39 -3.41 -15.37 9.84
C VAL A 39 -3.49 -13.86 9.73
N LEU A 40 -3.87 -13.21 10.84
CA LEU A 40 -4.00 -11.76 10.91
C LEU A 40 -2.64 -11.15 11.22
N LEU A 41 -2.15 -10.26 10.35
CA LEU A 41 -0.86 -9.61 10.55
C LEU A 41 -1.03 -8.34 11.42
N ASP A 42 -0.76 -8.49 12.72
CA ASP A 42 -0.92 -7.42 13.71
C ASP A 42 0.31 -6.53 13.93
N ASN A 43 1.46 -6.94 13.42
CA ASN A 43 2.69 -6.15 13.57
C ASN A 43 3.28 -6.03 12.15
N TYR A 44 2.39 -5.67 11.22
CA TYR A 44 2.70 -5.53 9.80
C TYR A 44 2.75 -4.06 9.37
N TYR A 45 3.73 -3.73 8.53
CA TYR A 45 3.91 -2.36 8.09
C TYR A 45 4.04 -2.13 6.58
N THR A 46 3.52 -0.99 6.14
CA THR A 46 3.59 -0.56 4.76
C THR A 46 4.18 0.86 4.85
N GLN A 47 4.24 1.56 3.73
CA GLN A 47 4.75 2.92 3.73
C GLN A 47 3.56 3.86 3.91
N PRO A 48 3.80 5.15 4.18
CA PRO A 48 2.69 6.09 4.36
C PRO A 48 1.98 6.59 3.09
N LEU A 49 2.51 6.23 1.92
CA LEU A 49 1.92 6.67 0.65
C LEU A 49 1.95 5.60 -0.44
C ALS A 50 2.33 4.48 -3.32
O ALS A 50 2.70 3.32 -3.15
CA ALS A 50 1.05 4.97 -2.66
N ALS A 50 1.20 5.86 -1.50
CB ALS A 50 0.14 5.61 -3.71
OG ALS A 50 0.02 4.75 -4.83
OS1 ALS A 50 -1.17 5.88 -3.21
S ALS A 50 -1.58 7.29 -2.99
OS2 ALS A 50 -0.61 7.99 -2.14
OS3 ALS A 50 -1.79 8.00 -4.27
OS4 ALS A 50 -2.87 7.26 -2.26
N THR A 51 2.96 5.32 -4.13
CA THR A 51 4.20 4.96 -4.85
C THR A 51 5.23 4.32 -3.91
N PRO A 52 5.45 4.92 -2.72
CA PRO A 52 6.41 4.34 -1.77
C PRO A 52 6.14 2.86 -1.47
N SER A 53 4.91 2.54 -1.04
CA SER A 53 4.52 1.16 -0.72
C SER A 53 4.56 0.19 -1.90
N ARG A 54 4.06 0.62 -3.05
CA ARG A 54 4.04 -0.23 -4.24
C ARG A 54 5.43 -0.50 -4.80
N SER A 55 6.34 0.47 -4.67
CA SER A 55 7.70 0.30 -5.15
C SER A 55 8.42 -0.71 -4.25
N GLN A 56 8.19 -0.60 -2.94
CA GLN A 56 8.79 -1.53 -1.99
C GLN A 56 8.18 -2.91 -2.13
N LEU A 57 6.90 -2.95 -2.52
CA LEU A 57 6.20 -4.22 -2.73
C LEU A 57 6.78 -4.97 -3.91
N LEU A 58 6.97 -4.26 -5.03
CA LEU A 58 7.50 -4.90 -6.23
C LEU A 58 9.02 -5.03 -6.34
N THR A 59 9.77 -4.25 -5.57
CA THR A 59 11.24 -4.35 -5.62
C THR A 59 11.81 -5.01 -4.37
N GLY A 60 11.04 -5.00 -3.28
CA GLY A 60 11.52 -5.56 -2.03
C GLY A 60 12.69 -4.75 -1.49
N ARG A 61 12.77 -3.49 -1.92
CA ARG A 61 13.86 -2.59 -1.51
C ARG A 61 13.33 -1.23 -1.07
N TYR A 62 13.96 -0.67 -0.03
CA TYR A 62 13.61 0.63 0.52
C TYR A 62 13.70 1.77 -0.49
N GLN A 63 12.96 2.84 -0.26
CA GLN A 63 12.99 4.00 -1.15
C GLN A 63 14.34 4.71 -1.12
N ILE A 64 15.10 4.52 -0.04
CA ILE A 64 16.42 5.13 0.06
C ILE A 64 17.41 4.44 -0.87
N ARG A 65 16.96 3.34 -1.47
CA ARG A 65 17.77 2.56 -2.41
C ARG A 65 17.34 2.92 -3.84
N THR A 66 16.08 3.32 -3.98
CA THR A 66 15.51 3.63 -5.29
C THR A 66 15.31 5.11 -5.64
N GLY A 67 15.66 6.00 -4.72
CA GLY A 67 15.49 7.43 -4.98
C GLY A 67 14.05 7.91 -4.91
N LEU A 68 13.17 7.09 -4.36
CA LEU A 68 11.76 7.44 -4.26
C LEU A 68 11.34 7.81 -2.84
N GLN A 69 12.23 8.46 -2.10
CA GLN A 69 11.96 8.84 -0.72
C GLN A 69 10.88 9.90 -0.58
N HIS A 70 10.86 10.86 -1.50
CA HIS A 70 9.92 11.98 -1.45
C HIS A 70 8.58 11.82 -2.16
N GLN A 71 7.53 11.95 -1.36
CA GLN A 71 6.14 11.86 -1.82
C GLN A 71 5.85 10.67 -2.73
N ILE A 72 5.26 10.95 -3.89
CA ILE A 72 4.91 9.93 -4.86
C ILE A 72 5.36 10.41 -6.25
N ILE A 73 5.00 9.65 -7.28
CA ILE A 73 5.31 10.00 -8.66
C ILE A 73 4.05 10.69 -9.18
N TRP A 74 4.13 11.99 -9.46
CA TRP A 74 2.98 12.73 -9.96
C TRP A 74 2.89 12.56 -11.47
N PRO A 75 1.67 12.71 -12.04
CA PRO A 75 1.40 12.56 -13.48
C PRO A 75 2.42 13.07 -14.48
N CYS A 76 2.86 14.32 -14.33
CA CYS A 76 3.82 14.89 -15.27
C CYS A 76 5.30 14.82 -14.91
N GLN A 77 5.63 14.05 -13.87
CA GLN A 77 7.03 13.89 -13.47
C GLN A 77 7.67 12.81 -14.30
N PRO A 78 8.84 13.10 -14.89
CA PRO A 78 9.53 12.10 -15.71
C PRO A 78 10.29 11.11 -14.81
N SER A 79 9.58 10.38 -13.95
CA SER A 79 10.23 9.41 -13.06
C SER A 79 9.48 8.09 -12.87
N CYS A 80 10.26 7.04 -12.61
CA CYS A 80 9.72 5.69 -12.40
C CYS A 80 10.66 4.97 -11.45
N VAL A 81 10.30 3.73 -11.13
CA VAL A 81 11.16 2.89 -10.31
C VAL A 81 12.35 2.69 -11.26
N PRO A 82 13.58 2.93 -10.79
CA PRO A 82 14.76 2.74 -11.66
C PRO A 82 14.66 1.50 -12.53
N LEU A 83 15.00 1.63 -13.81
CA LEU A 83 14.93 0.52 -14.76
C LEU A 83 15.90 -0.63 -14.47
N ASP A 84 16.85 -0.42 -13.57
CA ASP A 84 17.81 -1.45 -13.21
C ASP A 84 17.31 -2.31 -12.03
N GLU A 85 16.08 -2.06 -11.59
CA GLU A 85 15.47 -2.83 -10.51
C GLU A 85 14.73 -4.02 -11.13
N LYS A 86 14.85 -5.20 -10.52
CA LYS A 86 14.18 -6.39 -11.02
C LYS A 86 12.94 -6.59 -10.17
N LEU A 87 11.76 -6.51 -10.80
CA LEU A 87 10.48 -6.64 -10.09
C LEU A 87 10.02 -8.06 -9.79
N LEU A 88 9.21 -8.20 -8.75
CA LEU A 88 8.67 -9.48 -8.31
C LEU A 88 8.10 -10.36 -9.43
N PRO A 89 7.19 -9.81 -10.28
CA PRO A 89 6.63 -10.61 -11.37
C PRO A 89 7.65 -11.19 -12.34
N GLN A 90 8.78 -10.51 -12.54
CA GLN A 90 9.83 -11.03 -13.42
C GLN A 90 10.44 -12.28 -12.80
N LEU A 91 10.64 -12.24 -11.49
CA LEU A 91 11.22 -13.36 -10.76
C LEU A 91 10.24 -14.54 -10.73
N LEU A 92 8.95 -14.25 -10.57
CA LEU A 92 7.92 -15.28 -10.54
C LEU A 92 7.78 -15.90 -11.92
N LYS A 93 7.99 -15.08 -12.94
CA LYS A 93 7.92 -15.49 -14.33
C LYS A 93 9.04 -16.50 -14.60
N GLU A 94 10.22 -16.22 -14.05
CA GLU A 94 11.36 -17.10 -14.19
C GLU A 94 11.18 -18.39 -13.37
N ALA A 95 10.25 -18.35 -12.43
CA ALA A 95 9.94 -19.51 -11.59
C ALA A 95 8.88 -20.36 -12.28
N GLY A 96 8.48 -19.95 -13.48
CA GLY A 96 7.49 -20.68 -14.24
C GLY A 96 6.05 -20.25 -14.06
N TYR A 97 5.86 -19.05 -13.51
CA TYR A 97 4.51 -18.52 -13.28
C TYR A 97 3.95 -17.67 -14.42
N THR A 98 2.62 -17.59 -14.48
CA THR A 98 1.94 -16.78 -15.46
C THR A 98 1.51 -15.57 -14.62
N THR A 99 2.11 -14.42 -14.94
CA THR A 99 1.87 -13.18 -14.20
C THR A 99 0.81 -12.28 -14.81
N HIS A 100 -0.11 -11.82 -13.97
CA HIS A 100 -1.18 -10.94 -14.39
C HIS A 100 -1.39 -9.83 -13.37
N MET A 101 -1.71 -8.64 -13.85
CA MET A 101 -1.96 -7.51 -12.97
C MET A 101 -3.22 -6.79 -13.40
N VAL A 102 -4.03 -6.41 -12.41
CA VAL A 102 -5.26 -5.69 -12.67
C VAL A 102 -5.35 -4.52 -11.69
N GLY A 103 -5.42 -3.31 -12.21
CA GLY A 103 -5.57 -2.15 -11.35
C GLY A 103 -4.55 -1.03 -11.45
N LYS A 104 -4.45 -0.30 -10.34
CA LYS A 104 -3.53 0.83 -10.19
C LYS A 104 -2.05 0.45 -10.20
N TRP A 105 -1.28 1.13 -11.03
CA TRP A 105 0.17 0.88 -11.15
C TRP A 105 0.90 1.87 -10.25
N HIS A 106 0.99 3.11 -10.72
CA HIS A 106 1.63 4.20 -9.98
C HIS A 106 3.13 4.02 -9.72
N LEU A 107 3.82 3.35 -10.63
CA LEU A 107 5.25 3.12 -10.51
C LEU A 107 6.03 3.74 -11.67
N GLY A 108 5.41 4.68 -12.37
CA GLY A 108 6.04 5.33 -13.49
C GLY A 108 5.41 4.94 -14.80
N MET A 109 5.35 5.88 -15.75
CA MET A 109 4.76 5.62 -17.05
C MET A 109 5.21 6.58 -18.14
N TYR A 110 6.16 7.45 -17.86
CA TYR A 110 6.61 8.42 -18.86
C TYR A 110 7.35 7.80 -20.05
N ARG A 111 7.88 6.58 -19.86
CA ARG A 111 8.57 5.84 -20.91
C ARG A 111 7.84 4.51 -21.02
N LYS A 112 7.95 3.85 -22.18
CA LYS A 112 7.33 2.54 -22.38
C LYS A 112 7.93 1.54 -21.40
N GLU A 113 9.24 1.66 -21.15
CA GLU A 113 9.98 0.77 -20.25
C GLU A 113 9.46 0.73 -18.81
N CYS A 114 8.72 1.77 -18.41
CA CYS A 114 8.16 1.88 -17.06
C CYS A 114 6.83 1.15 -16.89
N LEU A 115 6.22 0.78 -18.01
CA LEU A 115 4.93 0.10 -18.02
C LEU A 115 4.99 -1.31 -17.46
N PRO A 116 3.93 -1.73 -16.75
CA PRO A 116 3.87 -3.06 -16.15
C PRO A 116 4.09 -4.19 -17.15
N THR A 117 3.58 -4.01 -18.37
CA THR A 117 3.72 -5.01 -19.43
C THR A 117 5.17 -5.20 -19.87
N ARG A 118 6.02 -4.21 -19.61
CA ARG A 118 7.43 -4.29 -19.97
C ARG A 118 8.29 -4.55 -18.73
N ARG A 119 7.66 -4.89 -17.61
CA ARG A 119 8.40 -5.13 -16.37
C ARG A 119 8.10 -6.44 -15.62
N GLY A 120 7.55 -7.43 -16.31
CA GLY A 120 7.28 -8.69 -15.64
C GLY A 120 5.88 -9.25 -15.75
N PHE A 121 4.90 -8.39 -16.03
CA PHE A 121 3.52 -8.84 -16.16
C PHE A 121 3.14 -9.22 -17.59
N ASP A 122 2.68 -10.45 -17.78
CA ASP A 122 2.26 -10.96 -19.09
C ASP A 122 1.07 -10.17 -19.60
N THR A 123 0.10 -9.93 -18.71
CA THR A 123 -1.08 -9.16 -19.08
C THR A 123 -1.28 -8.07 -18.05
N TYR A 124 -2.00 -7.03 -18.44
CA TYR A 124 -2.28 -5.91 -17.56
C TYR A 124 -3.55 -5.23 -17.96
N PHE A 125 -4.30 -4.76 -16.97
CA PHE A 125 -5.53 -4.01 -17.19
C PHE A 125 -5.70 -3.12 -15.98
N GLY A 126 -5.82 -1.81 -16.20
CA GLY A 126 -5.99 -0.88 -15.09
C GLY A 126 -5.55 0.52 -15.45
N TYR A 127 -5.19 1.32 -14.45
CA TYR A 127 -4.73 2.67 -14.68
C TYR A 127 -3.31 2.88 -14.17
N LEU A 128 -2.58 3.74 -14.88
CA LEU A 128 -1.18 4.03 -14.60
C LEU A 128 -0.89 5.04 -13.49
N LEU A 129 -1.72 6.09 -13.40
CA LEU A 129 -1.54 7.13 -12.40
C LEU A 129 -2.01 6.72 -11.01
N GLY A 130 -1.94 7.65 -10.06
CA GLY A 130 -2.34 7.35 -8.68
C GLY A 130 -3.79 7.49 -8.29
N SER A 131 -4.58 8.20 -9.09
CA SER A 131 -5.99 8.38 -8.78
C SER A 131 -6.73 8.85 -10.00
N GLU A 132 -8.06 8.66 -9.99
CA GLU A 132 -8.92 9.08 -11.09
C GLU A 132 -10.38 8.89 -10.71
N ASP A 133 -11.27 9.17 -11.65
CA ASP A 133 -12.71 9.03 -11.45
C ASP A 133 -13.06 7.55 -11.54
N TYR A 134 -13.81 7.06 -10.56
CA TYR A 134 -14.20 5.65 -10.53
C TYR A 134 -15.04 5.23 -11.73
N TYR A 135 -15.87 6.14 -12.22
CA TYR A 135 -16.75 5.85 -13.34
C TYR A 135 -16.22 6.21 -14.73
N SER A 136 -15.70 7.43 -14.88
CA SER A 136 -15.18 7.88 -16.17
C SER A 136 -13.75 7.44 -16.40
N HIS A 137 -13.04 7.15 -15.31
CA HIS A 137 -11.65 6.72 -15.36
C HIS A 137 -10.75 7.82 -15.91
N GLU A 138 -11.15 9.06 -15.64
CA GLU A 138 -10.42 10.22 -16.09
C GLU A 138 -9.75 10.92 -14.93
N ARG A 139 -8.64 11.58 -15.21
CA ARG A 139 -7.86 12.29 -14.20
C ARG A 139 -7.49 13.69 -14.69
N CYS A 140 -7.66 14.68 -13.82
CA CYS A 140 -7.33 16.06 -14.14
C CYS A 140 -6.17 16.55 -13.28
N THR A 141 -5.18 17.18 -13.90
CA THR A 141 -4.05 17.74 -13.16
C THR A 141 -3.63 19.06 -13.76
N LEU A 142 -2.96 19.86 -12.94
CA LEU A 142 -2.49 21.15 -13.40
C LEU A 142 -1.10 20.99 -14.01
N ILE A 143 -0.97 21.38 -15.27
CA ILE A 143 0.31 21.34 -15.96
C ILE A 143 0.85 22.76 -15.75
N ASP A 144 1.72 22.90 -14.75
CA ASP A 144 2.30 24.18 -14.37
C ASP A 144 2.77 25.11 -15.49
N ALA A 145 3.74 24.66 -16.28
CA ALA A 145 4.27 25.48 -17.37
C ALA A 145 3.23 26.04 -18.33
N LEU A 146 2.09 25.36 -18.46
CA LEU A 146 1.02 25.80 -19.36
C LEU A 146 -0.11 26.52 -18.62
N ASN A 147 -0.13 26.39 -17.29
CA ASN A 147 -1.17 26.99 -16.44
C ASN A 147 -2.57 26.53 -16.89
N VAL A 148 -2.70 25.25 -17.21
CA VAL A 148 -3.98 24.68 -17.62
C VAL A 148 -4.20 23.35 -16.92
N THR A 149 -5.46 23.05 -16.63
CA THR A 149 -5.80 21.79 -15.99
C THR A 149 -6.26 20.86 -17.10
N ARG A 150 -5.47 19.81 -17.37
CA ARG A 150 -5.80 18.84 -18.41
C ARG A 150 -6.50 17.60 -17.84
N CYS A 151 -7.65 17.27 -18.41
CA CYS A 151 -8.38 16.08 -17.99
C CYS A 151 -8.26 15.09 -19.14
N ALA A 152 -7.86 13.87 -18.83
CA ALA A 152 -7.72 12.85 -19.85
C ALA A 152 -7.96 11.46 -19.27
N LEU A 153 -8.23 10.51 -20.17
CA LEU A 153 -8.48 9.13 -19.79
C LEU A 153 -7.19 8.43 -19.38
N ASP A 154 -7.26 7.61 -18.35
CA ASP A 154 -6.13 6.83 -17.88
C ASP A 154 -6.70 5.45 -17.58
N PHE A 155 -6.75 4.62 -18.62
CA PHE A 155 -7.28 3.26 -18.51
C PHE A 155 -6.58 2.46 -19.59
N ARG A 156 -6.12 1.27 -19.25
CA ARG A 156 -5.38 0.46 -20.20
C ARG A 156 -5.73 -1.01 -20.19
N ASP A 157 -5.72 -1.59 -21.38
CA ASP A 157 -5.94 -3.01 -21.58
C ASP A 157 -4.66 -3.34 -22.33
N GLY A 158 -3.68 -3.89 -21.60
CA GLY A 158 -2.40 -4.19 -22.18
C GLY A 158 -1.67 -2.86 -22.23
N GLU A 159 -1.35 -2.41 -23.43
CA GLU A 159 -0.69 -1.12 -23.62
C GLU A 159 -1.62 -0.23 -24.42
N GLU A 160 -2.81 -0.77 -24.72
CA GLU A 160 -3.84 -0.09 -25.48
C GLU A 160 -4.75 0.72 -24.57
N VAL A 161 -5.36 1.75 -25.14
CA VAL A 161 -6.28 2.59 -24.41
C VAL A 161 -7.56 1.78 -24.21
N ALA A 162 -7.97 1.61 -22.97
CA ALA A 162 -9.18 0.86 -22.65
C ALA A 162 -10.40 1.77 -22.75
N THR A 163 -10.96 1.87 -23.95
CA THR A 163 -12.14 2.71 -24.20
C THR A 163 -13.43 1.89 -24.05
N GLY A 164 -14.55 2.61 -23.93
CA GLY A 164 -15.83 1.95 -23.80
C GLY A 164 -16.21 1.48 -22.41
N TYR A 165 -15.54 2.00 -21.39
CA TYR A 165 -15.82 1.64 -19.99
C TYR A 165 -16.40 2.81 -19.22
N LYS A 166 -16.88 3.81 -19.93
CA LYS A 166 -17.46 4.97 -19.28
C LYS A 166 -18.69 4.54 -18.49
N ASN A 167 -18.96 5.25 -17.40
CA ASN A 167 -20.09 4.99 -16.51
C ASN A 167 -20.09 3.60 -15.87
N MET A 168 -18.91 3.02 -15.73
CA MET A 168 -18.75 1.71 -15.10
C MET A 168 -17.75 1.80 -13.95
N TYR A 169 -18.23 1.54 -12.74
CA TYR A 169 -17.40 1.57 -11.52
C TYR A 169 -16.20 0.64 -11.66
N SER A 170 -15.00 1.19 -11.46
CA SER A 170 -13.76 0.44 -11.60
C SER A 170 -13.63 -0.89 -10.85
N THR A 171 -14.09 -0.93 -9.61
CA THR A 171 -13.99 -2.16 -8.83
C THR A 171 -14.72 -3.34 -9.45
N ASN A 172 -15.89 -3.07 -10.03
CA ASN A 172 -16.66 -4.12 -10.68
C ASN A 172 -15.91 -4.62 -11.92
N ILE A 173 -15.34 -3.67 -12.66
CA ILE A 173 -14.58 -3.97 -13.87
C ILE A 173 -13.36 -4.84 -13.51
N PHE A 174 -12.60 -4.41 -12.50
CA PHE A 174 -11.39 -5.12 -12.07
C PHE A 174 -11.69 -6.50 -11.50
N THR A 175 -12.76 -6.61 -10.72
CA THR A 175 -13.13 -7.90 -10.12
C THR A 175 -13.51 -8.88 -11.22
N LYS A 176 -14.30 -8.41 -12.17
CA LYS A 176 -14.73 -9.24 -13.28
C LYS A 176 -13.52 -9.74 -14.08
N ARG A 177 -12.53 -8.86 -14.28
CA ARG A 177 -11.30 -9.22 -15.01
C ARG A 177 -10.52 -10.31 -14.27
N ALA A 178 -10.31 -10.08 -12.98
CA ALA A 178 -9.57 -11.03 -12.14
C ALA A 178 -10.25 -12.39 -12.14
N ILE A 179 -11.58 -12.40 -12.01
CA ILE A 179 -12.35 -13.63 -12.01
C ILE A 179 -12.26 -14.36 -13.35
N ALA A 180 -12.20 -13.59 -14.44
CA ALA A 180 -12.08 -14.16 -15.78
C ALA A 180 -10.70 -14.82 -15.89
N LEU A 181 -9.70 -14.21 -15.27
CA LEU A 181 -8.34 -14.75 -15.28
C LEU A 181 -8.27 -16.04 -14.47
N ILE A 182 -9.03 -16.09 -13.37
CA ILE A 182 -9.09 -17.24 -12.49
C ILE A 182 -9.83 -18.41 -13.15
N THR A 183 -10.98 -18.11 -13.74
CA THR A 183 -11.81 -19.09 -14.43
C THR A 183 -11.15 -19.70 -15.66
N ASN A 184 -10.52 -18.84 -16.47
CA ASN A 184 -9.87 -19.29 -17.70
C ASN A 184 -8.40 -19.63 -17.56
N HIS A 185 -7.92 -19.77 -16.32
CA HIS A 185 -6.53 -20.09 -16.08
C HIS A 185 -6.22 -21.54 -16.43
N PRO A 186 -5.26 -21.78 -17.34
CA PRO A 186 -4.87 -23.13 -17.76
C PRO A 186 -4.12 -23.84 -16.63
N PRO A 187 -4.75 -24.87 -16.02
CA PRO A 187 -4.12 -25.62 -14.93
C PRO A 187 -2.76 -26.20 -15.34
N GLU A 188 -1.95 -26.54 -14.33
CA GLU A 188 -0.59 -27.09 -14.51
C GLU A 188 0.48 -25.99 -14.58
N LYS A 189 0.04 -24.75 -14.66
CA LYS A 189 0.92 -23.56 -14.71
C LYS A 189 0.52 -22.70 -13.51
N PRO A 190 1.49 -22.36 -12.64
CA PRO A 190 1.18 -21.53 -11.46
C PRO A 190 0.74 -20.11 -11.83
N LEU A 191 -0.28 -19.62 -11.12
CA LEU A 191 -0.82 -18.29 -11.37
C LEU A 191 -0.33 -17.24 -10.38
N PHE A 192 -0.07 -16.05 -10.89
CA PHE A 192 0.32 -14.92 -10.05
C PHE A 192 -0.58 -13.75 -10.45
N LEU A 193 -1.49 -13.39 -9.55
CA LEU A 193 -2.40 -12.28 -9.80
C LEU A 193 -2.23 -11.16 -8.79
N TYR A 194 -1.87 -9.99 -9.29
CA TYR A 194 -1.70 -8.81 -8.47
C TYR A 194 -2.91 -7.93 -8.73
N LEU A 195 -3.84 -7.90 -7.78
CA LEU A 195 -5.05 -7.12 -7.91
C LEU A 195 -4.96 -5.83 -7.09
N ALA A 196 -4.54 -4.75 -7.75
CA ALA A 196 -4.39 -3.45 -7.11
C ALA A 196 -5.63 -2.58 -7.35
N LEU A 197 -6.61 -2.69 -6.45
CA LEU A 197 -7.86 -1.94 -6.58
C LEU A 197 -7.75 -0.43 -6.36
N GLN A 198 -8.73 0.30 -6.91
CA GLN A 198 -8.82 1.74 -6.77
C GLN A 198 -9.42 2.01 -5.39
N SER A 199 -10.30 1.11 -4.96
CA SER A 199 -10.95 1.19 -3.65
C SER A 199 -9.84 1.12 -2.62
N VAL A 200 -9.90 1.90 -1.55
CA VAL A 200 -10.92 2.90 -1.32
C VAL A 200 -10.32 4.33 -1.31
N HIS A 201 -9.61 4.65 -2.38
CA HIS A 201 -8.95 5.96 -2.56
C HIS A 201 -10.03 6.94 -3.03
N GLU A 202 -9.86 8.22 -2.75
CA GLU A 202 -10.82 9.24 -3.20
C GLU A 202 -10.67 9.35 -4.73
N PRO A 203 -11.67 9.94 -5.43
CA PRO A 203 -12.95 10.53 -5.02
C PRO A 203 -13.84 9.54 -4.29
N LEU A 204 -14.63 10.06 -3.35
CA LEU A 204 -15.54 9.25 -2.55
C LEU A 204 -16.80 8.89 -3.33
N GLN A 205 -16.63 7.97 -4.28
CA GLN A 205 -17.71 7.51 -5.13
C GLN A 205 -18.09 6.07 -4.86
N VAL A 206 -19.40 5.81 -4.88
CA VAL A 206 -19.97 4.48 -4.68
C VAL A 206 -21.38 4.45 -5.20
N PRO A 207 -21.81 3.30 -5.73
CA PRO A 207 -23.18 3.19 -6.24
C PRO A 207 -24.11 3.41 -5.03
N GLU A 208 -25.02 4.37 -5.15
CA GLU A 208 -25.97 4.76 -4.11
C GLU A 208 -26.58 3.68 -3.18
N GLU A 209 -26.75 2.45 -3.67
CA GLU A 209 -27.33 1.41 -2.81
C GLU A 209 -26.48 0.99 -1.61
N TYR A 210 -25.17 1.22 -1.67
CA TYR A 210 -24.28 0.85 -0.57
C TYR A 210 -24.31 1.87 0.56
N LEU A 211 -25.08 2.94 0.37
CA LEU A 211 -25.17 4.00 1.37
C LEU A 211 -26.24 3.83 2.45
N LYS A 212 -27.36 3.19 2.13
CA LYS A 212 -28.44 3.03 3.10
C LYS A 212 -28.08 2.35 4.43
N PRO A 213 -27.27 1.28 4.42
CA PRO A 213 -26.90 0.59 5.66
C PRO A 213 -26.15 1.49 6.65
N TYR A 214 -25.64 2.62 6.15
CA TYR A 214 -24.86 3.54 6.98
C TYR A 214 -25.51 4.91 7.21
N ASP A 215 -26.82 4.93 7.37
CA ASP A 215 -27.52 6.19 7.62
C ASP A 215 -27.19 6.73 9.00
N PHE A 216 -26.76 5.86 9.91
CA PHE A 216 -26.42 6.27 11.26
C PHE A 216 -25.19 7.17 11.30
N ILE A 217 -24.38 7.10 10.24
CA ILE A 217 -23.17 7.92 10.12
C ILE A 217 -23.55 9.26 9.49
N GLN A 218 -23.51 10.33 10.29
CA GLN A 218 -23.86 11.67 9.83
C GLN A 218 -22.80 12.32 8.94
N ASP A 219 -21.53 12.10 9.28
CA ASP A 219 -20.41 12.66 8.53
C ASP A 219 -20.51 12.22 7.07
N LYS A 220 -20.59 13.18 6.16
CA LYS A 220 -20.73 12.89 4.74
C LYS A 220 -19.64 12.01 4.15
N ASN A 221 -18.38 12.35 4.43
CA ASN A 221 -17.26 11.57 3.92
C ASN A 221 -17.19 10.13 4.43
N ARG A 222 -17.32 9.94 5.74
CA ARG A 222 -17.27 8.60 6.32
C ARG A 222 -18.49 7.78 5.87
N HIS A 223 -19.60 8.46 5.64
CA HIS A 223 -20.84 7.82 5.18
C HIS A 223 -20.57 7.20 3.80
N HIS A 224 -19.99 8.00 2.89
CA HIS A 224 -19.67 7.53 1.55
C HIS A 224 -18.53 6.53 1.55
N TYR A 225 -17.57 6.72 2.45
CA TYR A 225 -16.42 5.85 2.55
C TYR A 225 -16.81 4.45 3.03
N ALA A 226 -17.73 4.39 4.00
CA ALA A 226 -18.20 3.12 4.55
C ALA A 226 -18.77 2.27 3.41
N GLY A 227 -19.62 2.86 2.59
CA GLY A 227 -20.19 2.15 1.46
C GLY A 227 -19.14 1.66 0.48
N MET A 228 -18.07 2.45 0.31
CA MET A 228 -16.98 2.08 -0.59
C MET A 228 -16.27 0.83 -0.09
N VAL A 229 -15.99 0.79 1.21
CA VAL A 229 -15.30 -0.32 1.85
C VAL A 229 -16.15 -1.60 1.77
N SER A 230 -17.45 -1.44 1.96
CA SER A 230 -18.38 -2.56 1.91
C SER A 230 -18.42 -3.17 0.51
N LEU A 231 -18.45 -2.31 -0.51
CA LEU A 231 -18.45 -2.78 -1.90
C LEU A 231 -17.14 -3.51 -2.18
N MET A 232 -16.05 -2.97 -1.67
CA MET A 232 -14.74 -3.61 -1.86
C MET A 232 -14.73 -4.97 -1.19
N ASP A 233 -15.38 -5.07 -0.03
CA ASP A 233 -15.46 -6.30 0.73
C ASP A 233 -16.20 -7.38 -0.08
N GLU A 234 -17.23 -6.94 -0.78
CA GLU A 234 -18.05 -7.79 -1.62
C GLU A 234 -17.18 -8.31 -2.78
N ALA A 235 -16.40 -7.40 -3.39
CA ALA A 235 -15.51 -7.73 -4.51
C ALA A 235 -14.47 -8.77 -4.07
N VAL A 236 -13.89 -8.56 -2.89
CA VAL A 236 -12.91 -9.50 -2.35
C VAL A 236 -13.61 -10.86 -2.18
N GLY A 237 -14.86 -10.82 -1.76
CA GLY A 237 -15.64 -12.03 -1.59
C GLY A 237 -15.76 -12.80 -2.90
N ASN A 238 -16.08 -12.10 -3.98
CA ASN A 238 -16.23 -12.71 -5.30
C ASN A 238 -14.94 -13.38 -5.76
N VAL A 239 -13.82 -12.70 -5.55
CA VAL A 239 -12.53 -13.24 -5.97
C VAL A 239 -12.19 -14.55 -5.27
N THR A 240 -12.32 -14.58 -3.94
CA THR A 240 -12.03 -15.79 -3.19
C THR A 240 -13.02 -16.92 -3.54
N ALA A 241 -14.29 -16.56 -3.73
CA ALA A 241 -15.31 -17.52 -4.10
C ALA A 241 -14.92 -18.16 -5.44
N ALA A 242 -14.41 -17.34 -6.35
CA ALA A 242 -13.97 -17.79 -7.67
C ALA A 242 -12.76 -18.71 -7.57
N LEU A 243 -11.81 -18.38 -6.70
CA LEU A 243 -10.63 -19.24 -6.53
C LEU A 243 -11.07 -20.62 -6.06
N LYS A 244 -12.15 -20.67 -5.29
CA LYS A 244 -12.69 -21.93 -4.79
C LYS A 244 -13.45 -22.70 -5.88
N SER A 245 -14.36 -22.02 -6.59
CA SER A 245 -15.14 -22.62 -7.67
C SER A 245 -14.26 -23.20 -8.76
N SER A 246 -13.18 -22.48 -9.06
CA SER A 246 -12.23 -22.91 -10.09
C SER A 246 -11.31 -24.00 -9.59
N GLY A 247 -11.39 -24.28 -8.29
CA GLY A 247 -10.55 -25.31 -7.71
C GLY A 247 -9.08 -24.95 -7.55
N LEU A 248 -8.78 -23.66 -7.47
CA LEU A 248 -7.40 -23.20 -7.31
C LEU A 248 -7.05 -22.97 -5.83
N TRP A 249 -8.06 -22.61 -5.05
CA TRP A 249 -7.91 -22.30 -3.63
C TRP A 249 -7.05 -23.24 -2.79
N ASN A 250 -7.27 -24.54 -2.91
CA ASN A 250 -6.51 -25.52 -2.12
C ASN A 250 -5.00 -25.44 -2.24
N ASN A 251 -4.52 -24.73 -3.25
CA ASN A 251 -3.09 -24.54 -3.44
C ASN A 251 -2.84 -23.08 -3.81
N THR A 252 -3.54 -22.19 -3.11
CA THR A 252 -3.41 -20.76 -3.33
C THR A 252 -3.06 -20.06 -2.02
N VAL A 253 -2.22 -19.03 -2.13
CA VAL A 253 -1.86 -18.23 -0.97
C VAL A 253 -2.40 -16.84 -1.30
N PHE A 254 -3.49 -16.46 -0.64
CA PHE A 254 -4.12 -15.18 -0.85
C PHE A 254 -3.66 -14.16 0.21
N ILE A 255 -3.05 -13.07 -0.24
CA ILE A 255 -2.57 -12.04 0.68
C ILE A 255 -3.33 -10.74 0.45
N PHE A 256 -3.93 -10.22 1.51
CA PHE A 256 -4.67 -8.96 1.45
C PHE A 256 -3.90 -7.92 2.27
N SER A 257 -3.76 -6.73 1.71
CA SER A 257 -3.02 -5.67 2.38
C SER A 257 -3.44 -4.31 1.86
N THR A 258 -3.29 -3.31 2.72
CA THR A 258 -3.58 -1.93 2.37
C THR A 258 -2.24 -1.39 1.86
N ASP A 259 -2.24 -0.27 1.16
CA ASP A 259 -0.96 0.28 0.70
C ASP A 259 -0.46 1.37 1.66
N ASN A 260 -1.35 1.85 2.53
CA ASN A 260 -1.00 2.85 3.53
C ASN A 260 -2.18 3.12 4.45
N GLY A 261 -1.94 3.90 5.50
CA GLY A 261 -3.00 4.20 6.44
C GLY A 261 -4.11 5.04 5.85
N GLY A 262 -5.27 5.04 6.52
CA GLY A 262 -6.40 5.80 6.04
C GLY A 262 -6.17 7.30 6.05
N GLN A 263 -6.87 8.00 5.16
CA GLN A 263 -6.79 9.45 5.07
C GLN A 263 -8.09 9.98 5.64
N THR A 264 -8.04 10.53 6.85
CA THR A 264 -9.22 11.07 7.53
C THR A 264 -9.89 12.20 6.76
N LEU A 265 -9.14 12.86 5.89
CA LEU A 265 -9.67 13.94 5.07
C LEU A 265 -10.55 13.37 3.96
N ALA A 266 -10.42 12.06 3.74
CA ALA A 266 -11.20 11.36 2.73
C ALA A 266 -11.99 10.20 3.33
N GLY A 267 -12.53 10.42 4.53
CA GLY A 267 -13.34 9.42 5.20
C GLY A 267 -12.67 8.23 5.88
N GLY A 268 -11.36 8.04 5.69
CA GLY A 268 -10.68 6.93 6.31
C GLY A 268 -10.42 7.15 7.80
N ASN A 269 -10.16 6.08 8.55
CA ASN A 269 -9.91 6.21 9.99
C ASN A 269 -8.90 5.19 10.50
N ASN A 270 -8.05 5.62 11.44
CA ASN A 270 -7.00 4.75 11.99
C ASN A 270 -7.06 4.54 13.49
N TRP A 271 -8.11 5.06 14.14
CA TRP A 271 -8.31 4.95 15.58
C TRP A 271 -8.15 3.50 16.05
N PRO A 272 -7.53 3.29 17.23
CA PRO A 272 -6.98 4.30 18.15
C PRO A 272 -5.54 4.74 17.86
N LEU A 273 -5.00 4.31 16.74
CA LEU A 273 -3.63 4.66 16.38
C LEU A 273 -3.48 6.15 16.12
N ARG A 274 -2.27 6.65 16.26
CA ARG A 274 -1.97 8.06 16.07
C ARG A 274 -1.67 8.36 14.60
N GLY A 275 -2.05 9.55 14.15
CA GLY A 275 -1.77 9.93 12.78
C GLY A 275 -2.70 9.44 11.70
N ARG A 276 -2.21 9.49 10.46
CA ARG A 276 -2.98 9.11 9.29
C ARG A 276 -2.02 8.97 8.10
N LYS A 277 -2.59 8.90 6.90
CA LYS A 277 -1.82 8.79 5.66
C LYS A 277 -0.89 10.01 5.56
N TRP A 278 0.28 9.83 4.95
CA TRP A 278 1.30 10.88 4.78
C TRP A 278 2.28 10.99 5.95
N SER A 279 1.88 10.51 7.12
CA SER A 279 2.74 10.61 8.30
C SER A 279 3.44 9.30 8.63
N LEU A 280 4.49 9.40 9.44
CA LEU A 280 5.22 8.21 9.87
C LEU A 280 4.72 7.68 11.21
N TRP A 281 3.59 8.20 11.70
CA TRP A 281 3.00 7.74 12.94
C TRP A 281 2.39 6.38 12.60
N GLU A 282 2.09 5.58 13.61
CA GLU A 282 1.51 4.25 13.40
C GLU A 282 0.28 4.26 12.50
N GLY A 283 -0.56 5.27 12.65
CA GLY A 283 -1.77 5.38 11.84
C GLY A 283 -1.52 5.45 10.35
N GLY A 284 -0.30 5.84 9.95
CA GLY A 284 0.02 5.91 8.53
C GLY A 284 0.83 4.74 7.99
N VAL A 285 1.59 4.09 8.86
CA VAL A 285 2.44 2.97 8.45
C VAL A 285 2.01 1.57 8.90
N ARG A 286 1.37 1.44 10.06
CA ARG A 286 0.92 0.12 10.54
C ARG A 286 -0.35 -0.20 9.78
N GLY A 287 -0.31 -1.23 8.94
CA GLY A 287 -1.47 -1.52 8.13
C GLY A 287 -2.30 -2.78 8.30
N VAL A 288 -3.49 -2.71 7.73
CA VAL A 288 -4.44 -3.81 7.73
C VAL A 288 -3.87 -4.85 6.77
N GLY A 289 -3.76 -6.09 7.24
CA GLY A 289 -3.22 -7.14 6.39
C GLY A 289 -3.43 -8.52 6.96
N PHE A 290 -3.57 -9.50 6.07
CA PHE A 290 -3.77 -10.89 6.48
C PHE A 290 -3.47 -11.85 5.34
N VAL A 291 -3.23 -13.10 5.69
CA VAL A 291 -2.95 -14.15 4.72
C VAL A 291 -4.00 -15.22 4.91
N ALA A 292 -4.65 -15.61 3.82
CA ALA A 292 -5.68 -16.65 3.85
C ALA A 292 -5.22 -17.75 2.90
N SER A 293 -5.02 -18.95 3.44
CA SER A 293 -4.58 -20.06 2.60
C SER A 293 -4.62 -21.39 3.33
N PRO A 294 -5.11 -22.43 2.64
CA PRO A 294 -5.19 -23.78 3.21
C PRO A 294 -3.80 -24.34 3.50
N LEU A 295 -2.76 -23.65 3.01
CA LEU A 295 -1.38 -24.09 3.21
C LEU A 295 -0.78 -23.64 4.53
N LEU A 296 -1.51 -22.81 5.28
CA LEU A 296 -1.03 -22.31 6.57
C LEU A 296 -1.03 -23.40 7.64
N LYS A 297 0.07 -23.52 8.38
CA LYS A 297 0.16 -24.51 9.46
C LYS A 297 -0.85 -24.13 10.53
N GLN A 298 -0.87 -22.86 10.92
CA GLN A 298 -1.82 -22.40 11.93
C GLN A 298 -2.82 -21.39 11.36
N LYS A 299 -4.09 -21.64 11.62
CA LYS A 299 -5.18 -20.80 11.14
C LYS A 299 -6.00 -20.26 12.30
N GLY A 300 -6.61 -19.10 12.11
CA GLY A 300 -7.40 -18.50 13.16
C GLY A 300 -6.55 -17.93 14.28
N VAL A 301 -5.41 -17.33 13.92
CA VAL A 301 -4.50 -16.74 14.89
C VAL A 301 -4.08 -15.32 14.52
N LYS A 302 -3.74 -14.54 15.54
CA LYS A 302 -3.28 -13.18 15.32
C LYS A 302 -1.77 -13.20 15.50
N ASN A 303 -1.04 -13.00 14.41
CA ASN A 303 0.42 -13.02 14.42
C ASN A 303 0.96 -11.62 14.74
N ARG A 304 1.79 -11.55 15.79
CA ARG A 304 2.37 -10.28 16.23
C ARG A 304 3.85 -10.10 15.87
N GLU A 305 4.33 -10.89 14.90
CA GLU A 305 5.72 -10.81 14.47
C GLU A 305 5.92 -9.68 13.48
N LEU A 306 7.06 -9.01 13.59
CA LEU A 306 7.39 -7.88 12.73
C LEU A 306 7.56 -8.21 11.26
N ILE A 307 6.67 -7.68 10.43
CA ILE A 307 6.69 -7.89 8.99
C ILE A 307 6.50 -6.54 8.29
N HIS A 308 7.05 -6.43 7.08
CA HIS A 308 6.97 -5.20 6.29
C HIS A 308 6.60 -5.56 4.84
N ILE A 309 6.04 -4.60 4.11
CA ILE A 309 5.63 -4.80 2.73
C ILE A 309 6.79 -5.23 1.82
N SER A 310 8.02 -4.93 2.23
CA SER A 310 9.20 -5.31 1.45
C SER A 310 9.56 -6.79 1.62
N ASP A 311 8.90 -7.45 2.57
CA ASP A 311 9.16 -8.85 2.83
C ASP A 311 8.46 -9.79 1.85
N TRP A 312 7.40 -9.30 1.21
CA TRP A 312 6.64 -10.10 0.26
C TRP A 312 7.44 -10.62 -0.91
N LEU A 313 8.37 -9.83 -1.46
CA LEU A 313 9.13 -10.31 -2.61
C LEU A 313 9.91 -11.60 -2.32
N PRO A 314 10.83 -11.57 -1.33
CA PRO A 314 11.58 -12.81 -1.05
C PRO A 314 10.67 -13.96 -0.56
N THR A 315 9.52 -13.61 0.03
CA THR A 315 8.57 -14.60 0.54
C THR A 315 7.83 -15.32 -0.59
N LEU A 316 7.27 -14.56 -1.54
CA LEU A 316 6.54 -15.15 -2.65
C LEU A 316 7.47 -15.88 -3.61
N VAL A 317 8.68 -15.35 -3.78
CA VAL A 317 9.66 -15.98 -4.66
C VAL A 317 10.08 -17.35 -4.11
N LYS A 318 10.20 -17.46 -2.80
CA LYS A 318 10.57 -18.72 -2.17
C LYS A 318 9.39 -19.69 -2.26
N LEU A 319 8.18 -19.18 -2.04
CA LEU A 319 6.97 -19.99 -2.14
C LEU A 319 6.86 -20.49 -3.58
N ALA A 320 7.30 -19.66 -4.51
CA ALA A 320 7.28 -20.00 -5.93
C ALA A 320 8.47 -20.88 -6.32
N ARG A 321 9.24 -21.31 -5.32
CA ARG A 321 10.42 -22.15 -5.50
C ARG A 321 11.44 -21.53 -6.48
N GLY A 322 11.36 -20.21 -6.63
CA GLY A 322 12.27 -19.50 -7.52
C GLY A 322 13.50 -18.96 -6.79
N HIS A 323 14.18 -18.02 -7.44
CA HIS A 323 15.40 -17.42 -6.89
C HIS A 323 15.41 -15.91 -7.10
N THR A 324 16.05 -15.20 -6.18
CA THR A 324 16.13 -13.75 -6.23
C THR A 324 17.33 -13.24 -7.02
N ASN A 325 17.91 -14.11 -7.85
CA ASN A 325 19.05 -13.74 -8.67
C ASN A 325 18.62 -12.66 -9.64
N GLY A 326 19.44 -11.62 -9.77
CA GLY A 326 19.13 -10.54 -10.69
C GLY A 326 18.72 -9.26 -10.00
N THR A 327 18.23 -9.36 -8.77
CA THR A 327 17.82 -8.17 -8.02
C THR A 327 19.01 -7.53 -7.31
N LYS A 328 18.88 -6.24 -7.00
CA LYS A 328 19.91 -5.52 -6.25
C LYS A 328 19.68 -5.93 -4.79
N PRO A 329 20.64 -5.66 -3.88
CA PRO A 329 20.49 -6.04 -2.47
C PRO A 329 19.11 -5.77 -1.86
N LEU A 330 18.44 -6.84 -1.45
CA LEU A 330 17.09 -6.75 -0.86
C LEU A 330 17.08 -6.31 0.60
N ASP A 331 16.03 -5.56 0.98
CA ASP A 331 15.87 -5.05 2.33
C ASP A 331 14.80 -5.79 3.13
N GLY A 332 14.30 -6.87 2.55
CA GLY A 332 13.27 -7.67 3.18
C GLY A 332 13.70 -9.11 3.42
N PHE A 333 12.82 -9.89 4.04
CA PHE A 333 13.11 -11.26 4.39
C PHE A 333 11.97 -12.19 4.03
N ASP A 334 12.28 -13.48 3.94
CA ASP A 334 11.28 -14.51 3.66
C ASP A 334 10.66 -14.77 5.03
N VAL A 335 9.40 -14.37 5.17
CA VAL A 335 8.68 -14.51 6.43
C VAL A 335 7.56 -15.56 6.38
N TRP A 336 7.66 -16.52 5.48
CA TRP A 336 6.61 -17.53 5.39
C TRP A 336 6.52 -18.43 6.63
N LYS A 337 7.66 -18.90 7.13
CA LYS A 337 7.65 -19.74 8.32
C LYS A 337 7.09 -18.93 9.50
N THR A 338 7.33 -17.62 9.48
CA THR A 338 6.85 -16.72 10.52
C THR A 338 5.32 -16.59 10.48
N ILE A 339 4.77 -16.38 9.28
CA ILE A 339 3.33 -16.24 9.08
C ILE A 339 2.58 -17.56 9.28
N SER A 340 3.08 -18.61 8.66
CA SER A 340 2.46 -19.93 8.70
C SER A 340 2.58 -20.68 10.01
N GLU A 341 3.78 -20.72 10.58
CA GLU A 341 4.02 -21.44 11.82
C GLU A 341 4.13 -20.57 13.06
N GLY A 342 4.16 -19.25 12.88
CA GLY A 342 4.25 -18.34 14.01
C GLY A 342 5.62 -18.25 14.65
N SER A 343 6.66 -18.66 13.94
CA SER A 343 8.02 -18.62 14.47
C SER A 343 8.59 -17.20 14.50
N PRO A 344 9.64 -16.98 15.33
CA PRO A 344 10.29 -15.67 15.46
C PRO A 344 10.65 -15.08 14.10
N SER A 345 10.26 -13.84 13.89
CA SER A 345 10.51 -13.14 12.63
C SER A 345 11.99 -12.93 12.35
N PRO A 346 12.38 -13.02 11.06
CA PRO A 346 13.78 -12.82 10.63
C PRO A 346 14.12 -11.33 10.70
N ARG A 347 13.07 -10.50 10.81
CA ARG A 347 13.21 -9.05 10.86
C ARG A 347 13.06 -8.48 12.27
N ILE A 348 14.11 -7.82 12.73
CA ILE A 348 14.09 -7.18 14.05
C ILE A 348 14.20 -5.67 13.87
N GLU A 349 14.50 -5.22 12.65
CA GLU A 349 14.63 -3.80 12.36
C GLU A 349 13.95 -3.41 11.06
N LEU A 350 13.43 -2.19 11.04
CA LEU A 350 12.75 -1.66 9.87
C LEU A 350 12.94 -0.14 9.77
N LEU A 351 13.51 0.30 8.66
CA LEU A 351 13.68 1.72 8.45
C LEU A 351 12.36 2.13 7.77
N HIS A 352 11.62 3.04 8.41
CA HIS A 352 10.37 3.49 7.81
C HIS A 352 10.68 4.35 6.59
N ASN A 353 11.48 5.40 6.80
CA ASN A 353 11.90 6.29 5.72
C ASN A 353 12.71 7.50 6.19
N ILE A 354 13.47 8.08 5.26
CA ILE A 354 14.29 9.27 5.52
C ILE A 354 14.03 10.23 4.35
N ASP A 355 13.39 11.36 4.64
CA ASP A 355 13.07 12.35 3.62
C ASP A 355 13.47 13.75 4.11
N PRO A 356 14.60 14.27 3.59
CA PRO A 356 15.15 15.60 3.94
C PRO A 356 14.22 16.77 3.60
N ASN A 357 13.36 16.59 2.61
CA ASN A 357 12.44 17.64 2.17
C ASN A 357 10.97 17.32 2.40
N PHE A 358 10.68 16.60 3.47
CA PHE A 358 9.30 16.25 3.76
C PHE A 358 8.42 17.47 4.03
N VAL A 359 7.21 17.42 3.50
CA VAL A 359 6.21 18.46 3.69
C VAL A 359 4.85 17.79 3.82
N ASP A 360 4.06 18.26 4.78
CA ASP A 360 2.73 17.72 5.01
C ASP A 360 1.77 18.54 4.12
N SER A 361 1.65 18.11 2.87
CA SER A 361 0.81 18.77 1.86
C SER A 361 -0.69 18.72 2.16
N SER A 362 -1.09 17.72 2.94
CA SER A 362 -2.47 17.51 3.34
C SER A 362 -2.82 18.45 4.51
N PRO A 363 -4.02 19.03 4.50
CA PRO A 363 -4.49 19.96 5.55
C PRO A 363 -4.52 19.39 6.98
N CYS A 364 -3.67 19.94 7.83
CA CYS A 364 -3.60 19.51 9.23
C CYS A 364 -3.78 20.74 10.10
N SER A 382 24.73 13.85 18.33
CA SER A 382 24.12 12.79 17.52
C SER A 382 24.62 12.90 16.09
N ALA A 383 24.88 11.75 15.47
CA ALA A 383 25.38 11.73 14.10
C ALA A 383 24.29 12.06 13.10
N PHE A 384 23.03 11.82 13.48
CA PHE A 384 21.90 12.08 12.61
C PHE A 384 21.26 13.45 12.85
N ASN A 385 20.90 14.12 11.76
CA ASN A 385 20.25 15.44 11.79
C ASN A 385 18.78 15.22 12.13
N THR A 386 18.42 15.52 13.38
CA THR A 386 17.06 15.34 13.87
C THR A 386 16.00 16.27 13.28
N SER A 387 16.40 17.13 12.36
CA SER A 387 15.45 18.04 11.70
C SER A 387 14.87 17.36 10.48
N VAL A 388 15.54 16.29 10.04
CA VAL A 388 15.14 15.50 8.88
C VAL A 388 14.02 14.54 9.27
N HIS A 389 12.94 14.56 8.50
CA HIS A 389 11.79 13.68 8.73
C HIS A 389 12.22 12.23 8.52
N ALA A 390 12.15 11.44 9.59
CA ALA A 390 12.54 10.02 9.53
C ALA A 390 11.93 9.19 10.67
N ALA A 391 12.03 7.88 10.55
CA ALA A 391 11.54 6.97 11.57
C ALA A 391 12.16 5.60 11.38
N ILE A 392 12.44 4.93 12.49
CA ILE A 392 13.03 3.61 12.45
C ILE A 392 12.47 2.78 13.60
N ARG A 393 12.27 1.50 13.32
CA ARG A 393 11.75 0.57 14.30
C ARG A 393 12.79 -0.53 14.53
N HIS A 394 13.18 -0.73 15.78
CA HIS A 394 14.15 -1.76 16.13
C HIS A 394 13.60 -2.45 17.38
N GLY A 395 13.23 -3.72 17.23
CA GLY A 395 12.67 -4.45 18.35
C GLY A 395 11.34 -3.83 18.73
N ASN A 396 11.19 -3.49 20.01
CA ASN A 396 9.95 -2.89 20.51
C ASN A 396 9.97 -1.37 20.44
N TRP A 397 11.11 -0.81 20.06
CA TRP A 397 11.29 0.64 20.01
C TRP A 397 11.19 1.30 18.64
N LYS A 398 10.56 2.47 18.63
CA LYS A 398 10.39 3.27 17.42
C LYS A 398 10.87 4.69 17.68
N LEU A 399 11.71 5.21 16.79
CA LEU A 399 12.18 6.58 16.91
C LEU A 399 11.69 7.37 15.71
N LEU A 400 11.18 8.57 15.95
CA LEU A 400 10.73 9.46 14.88
C LEU A 400 11.50 10.76 15.06
N THR A 401 11.98 11.32 13.95
CA THR A 401 12.72 12.59 13.98
C THR A 401 12.09 13.59 13.00
N GLY A 402 12.39 14.87 13.21
CA GLY A 402 11.85 15.90 12.35
C GLY A 402 10.35 16.04 12.54
N TYR A 403 9.64 16.42 11.49
CA TYR A 403 8.19 16.55 11.54
C TYR A 403 7.65 15.27 10.94
N PRO A 404 7.08 14.39 11.76
CA PRO A 404 6.53 13.11 11.29
C PRO A 404 5.30 13.23 10.39
N GLY A 405 4.57 14.32 10.56
CA GLY A 405 3.34 14.54 9.81
C GLY A 405 2.27 14.85 10.85
N CYS A 406 1.04 15.10 10.41
CA CYS A 406 -0.05 15.42 11.34
C CYS A 406 -0.12 14.38 12.47
N GLY A 407 0.24 14.82 13.68
CA GLY A 407 0.24 13.94 14.85
C GLY A 407 -0.98 13.86 15.75
N TYR A 408 -2.14 14.26 15.26
CA TYR A 408 -3.38 14.19 16.04
C TYR A 408 -3.92 12.75 16.00
N TRP A 409 -4.83 12.44 16.91
CA TRP A 409 -5.49 11.14 16.90
C TRP A 409 -6.86 11.50 16.35
N PHE A 410 -7.26 10.84 15.27
CA PHE A 410 -8.56 11.13 14.67
C PHE A 410 -9.56 10.04 15.00
N PRO A 411 -10.43 10.28 15.99
CA PRO A 411 -11.44 9.31 16.41
C PRO A 411 -12.55 9.13 15.38
N PRO A 412 -13.21 7.96 15.39
CA PRO A 412 -14.30 7.65 14.46
C PRO A 412 -15.48 8.60 14.67
N PRO A 413 -15.87 9.33 13.62
CA PRO A 413 -16.95 10.31 13.57
C PRO A 413 -18.28 9.93 14.22
N SER A 414 -18.78 8.73 13.93
CA SER A 414 -20.06 8.27 14.47
C SER A 414 -20.03 7.89 15.95
N GLN A 415 -18.84 7.94 16.55
CA GLN A 415 -18.70 7.59 17.98
C GLN A 415 -18.18 8.73 18.83
N TYR A 416 -17.58 9.72 18.18
CA TYR A 416 -17.02 10.88 18.89
C TYR A 416 -17.47 12.18 18.28
N ASN A 417 -17.79 13.15 19.14
CA ASN A 417 -18.20 14.47 18.66
C ASN A 417 -17.00 15.43 18.65
N VAL A 418 -15.90 14.98 18.04
CA VAL A 418 -14.67 15.75 17.87
C VAL A 418 -13.97 15.18 16.65
N SER A 419 -13.44 16.07 15.81
CA SER A 419 -12.75 15.64 14.62
C SER A 419 -11.30 15.22 14.86
N GLU A 420 -10.71 15.72 15.94
CA GLU A 420 -9.33 15.38 16.29
C GLU A 420 -8.97 15.68 17.73
N ILE A 421 -7.96 14.97 18.24
CA ILE A 421 -7.46 15.12 19.60
C ILE A 421 -5.96 15.37 19.48
N PRO A 422 -5.48 16.52 19.98
CA PRO A 422 -4.06 16.87 19.93
C PRO A 422 -3.21 16.26 21.05
N SER A 423 -1.90 16.25 20.85
CA SER A 423 -0.98 15.74 21.87
C SER A 423 -0.49 16.95 22.65
N SER A 424 0.42 16.74 23.58
CA SER A 424 0.96 17.84 24.37
C SER A 424 2.30 18.31 23.82
N ASP A 425 2.62 17.88 22.60
CA ASP A 425 3.88 18.23 21.94
C ASP A 425 3.97 19.69 21.53
N PRO A 426 5.04 20.38 21.95
CA PRO A 426 5.22 21.79 21.58
C PRO A 426 5.64 21.82 20.10
N PRO A 427 5.44 22.96 19.42
CA PRO A 427 5.78 23.11 18.00
C PRO A 427 7.23 22.81 17.63
N THR A 428 8.14 23.00 18.58
CA THR A 428 9.57 22.78 18.33
C THR A 428 10.07 21.35 18.49
N LYS A 429 9.19 20.42 18.84
CA LYS A 429 9.59 19.02 19.04
C LYS A 429 10.01 18.34 17.73
N THR A 430 11.16 17.67 17.76
CA THR A 430 11.68 16.98 16.58
C THR A 430 12.23 15.58 16.86
N LEU A 431 11.91 15.01 18.02
CA LEU A 431 12.37 13.67 18.34
C LEU A 431 11.40 12.96 19.26
N TRP A 432 11.16 11.68 18.97
CA TRP A 432 10.24 10.86 19.75
C TRP A 432 10.79 9.46 19.86
N LEU A 433 10.47 8.80 20.97
CA LEU A 433 10.86 7.41 21.20
C LEU A 433 9.66 6.74 21.85
N PHE A 434 9.16 5.70 21.20
CA PHE A 434 8.01 4.96 21.70
C PHE A 434 8.30 3.48 21.79
N ASP A 435 7.73 2.86 22.81
CA ASP A 435 7.83 1.43 23.00
C ASP A 435 6.51 1.03 22.34
N ILE A 436 6.56 0.73 21.04
CA ILE A 436 5.36 0.36 20.29
C ILE A 436 4.66 -0.89 20.83
N ASP A 437 5.46 -1.82 21.36
CA ASP A 437 4.92 -3.05 21.92
C ASP A 437 3.93 -2.78 23.05
N ARG A 438 4.27 -1.86 23.93
CA ARG A 438 3.42 -1.54 25.09
C ARG A 438 2.62 -0.25 24.96
N ASP A 439 2.93 0.54 23.94
CA ASP A 439 2.26 1.81 23.69
C ASP A 439 2.07 1.96 22.18
N PRO A 440 1.19 1.14 21.58
CA PRO A 440 0.91 1.16 20.15
C PRO A 440 0.24 2.45 19.66
N GLU A 441 -0.40 3.18 20.57
CA GLU A 441 -1.08 4.42 20.21
C GLU A 441 -0.19 5.66 20.28
N GLU A 442 1.08 5.44 20.59
CA GLU A 442 2.07 6.51 20.68
C GLU A 442 1.62 7.67 21.55
N ARG A 443 1.17 7.34 22.75
CA ARG A 443 0.68 8.33 23.72
C ARG A 443 1.75 8.90 24.63
N HIS A 444 2.78 8.10 24.90
CA HIS A 444 3.83 8.50 25.82
C HIS A 444 5.26 8.46 25.24
N ASP A 445 5.85 9.64 25.06
CA ASP A 445 7.22 9.75 24.54
C ASP A 445 8.21 9.34 25.66
N LEU A 446 9.17 8.50 25.32
CA LEU A 446 10.16 8.01 26.27
C LEU A 446 11.60 8.44 25.98
N SER A 447 11.76 9.36 25.03
CA SER A 447 13.09 9.83 24.62
C SER A 447 14.05 10.27 25.73
N ARG A 448 13.54 11.00 26.71
CA ARG A 448 14.36 11.47 27.82
C ARG A 448 14.62 10.36 28.83
N GLU A 449 13.67 9.44 28.92
CA GLU A 449 13.77 8.34 29.85
C GLU A 449 14.82 7.31 29.41
N TYR A 450 14.98 7.11 28.10
CA TYR A 450 15.96 6.14 27.58
C TYR A 450 16.89 6.79 26.57
N PRO A 451 17.81 7.64 27.04
CA PRO A 451 18.76 8.33 26.16
C PRO A 451 19.64 7.41 25.31
N HIS A 452 20.02 6.27 25.87
CA HIS A 452 20.87 5.32 25.14
C HIS A 452 20.17 4.60 23.99
N ILE A 453 18.86 4.44 24.10
CA ILE A 453 18.10 3.81 23.01
C ILE A 453 17.96 4.84 21.89
N VAL A 454 17.73 6.10 22.27
CA VAL A 454 17.61 7.20 21.30
C VAL A 454 18.90 7.30 20.49
N THR A 455 20.03 7.24 21.19
CA THR A 455 21.35 7.33 20.56
C THR A 455 21.62 6.16 19.61
N LYS A 456 21.23 4.98 20.05
CA LYS A 456 21.39 3.76 19.25
C LYS A 456 20.62 3.90 17.94
N LEU A 457 19.34 4.27 18.03
CA LEU A 457 18.50 4.42 16.86
C LEU A 457 18.94 5.56 15.95
N LEU A 458 19.51 6.62 16.52
CA LEU A 458 20.00 7.73 15.70
C LEU A 458 21.19 7.26 14.85
N SER A 459 22.01 6.38 15.43
CA SER A 459 23.19 5.83 14.74
C SER A 459 22.73 4.95 13.58
N ARG A 460 21.64 4.21 13.80
CA ARG A 460 21.08 3.34 12.77
C ARG A 460 20.56 4.23 11.65
N LEU A 461 19.89 5.33 12.02
CA LEU A 461 19.36 6.26 11.03
C LEU A 461 20.49 6.82 10.19
N GLN A 462 21.60 7.16 10.83
CA GLN A 462 22.75 7.69 10.12
C GLN A 462 23.41 6.61 9.26
N PHE A 463 23.31 5.36 9.69
CA PHE A 463 23.86 4.23 8.94
C PHE A 463 23.09 4.11 7.62
N TYR A 464 21.77 4.12 7.70
CA TYR A 464 20.93 4.04 6.52
C TYR A 464 21.15 5.25 5.62
N HIS A 465 21.22 6.42 6.24
CA HIS A 465 21.44 7.65 5.49
C HIS A 465 22.76 7.55 4.70
N LYS A 466 23.78 6.97 5.30
CA LYS A 466 25.06 6.82 4.63
C LYS A 466 24.96 5.91 3.41
N HIS A 467 24.01 4.99 3.42
CA HIS A 467 23.82 4.05 2.31
C HIS A 467 22.62 4.35 1.42
N SER A 468 22.23 5.61 1.38
CA SER A 468 21.09 6.03 0.57
C SER A 468 21.54 6.65 -0.75
N VAL A 469 20.65 6.65 -1.72
CA VAL A 469 20.92 7.27 -3.00
C VAL A 469 20.21 8.63 -2.92
N PRO A 470 20.61 9.59 -3.76
CA PRO A 470 19.95 10.90 -3.71
C PRO A 470 18.47 10.81 -4.10
N VAL A 471 17.66 11.68 -3.51
CA VAL A 471 16.23 11.73 -3.81
C VAL A 471 16.06 12.22 -5.24
N TYR A 472 15.22 11.54 -6.01
CA TYR A 472 14.95 11.95 -7.38
C TYR A 472 13.47 12.35 -7.47
N PHE A 473 13.23 13.65 -7.49
CA PHE A 473 11.90 14.21 -7.58
C PHE A 473 12.02 15.34 -8.61
N PRO A 474 11.99 14.99 -9.90
CA PRO A 474 12.10 15.96 -10.99
C PRO A 474 10.91 16.88 -11.15
N ALA A 475 11.12 18.02 -11.80
CA ALA A 475 10.04 18.97 -12.04
C ALA A 475 9.15 18.43 -13.16
N GLN A 476 7.96 19.00 -13.31
CA GLN A 476 7.03 18.58 -14.36
C GLN A 476 7.63 18.78 -15.75
N ASP A 477 7.25 17.90 -16.67
CA ASP A 477 7.67 18.03 -18.06
C ASP A 477 6.35 18.25 -18.77
N PRO A 478 6.09 19.50 -19.21
CA PRO A 478 4.88 19.97 -19.91
C PRO A 478 4.52 19.08 -21.08
N ARG A 479 5.51 18.34 -21.58
CA ARG A 479 5.30 17.44 -22.69
C ARG A 479 4.47 16.20 -22.30
N CYS A 480 3.98 16.19 -21.08
CA CYS A 480 3.14 15.12 -20.59
C CYS A 480 1.72 15.39 -21.09
N ASP A 481 1.51 16.61 -21.58
CA ASP A 481 0.21 17.06 -22.09
C ASP A 481 -0.53 16.01 -22.91
N PRO A 482 -1.66 15.53 -22.38
CA PRO A 482 -2.47 14.52 -23.07
C PRO A 482 -3.55 15.06 -24.00
N LYS A 483 -3.62 16.37 -24.21
CA LYS A 483 -4.66 16.95 -25.05
C LYS A 483 -4.83 16.34 -26.45
N ALA A 484 -3.72 16.10 -27.14
CA ALA A 484 -3.71 15.55 -28.49
C ALA A 484 -4.41 14.20 -28.66
N THR A 485 -4.20 13.29 -27.71
CA THR A 485 -4.80 11.97 -27.76
C THR A 485 -5.93 11.77 -26.74
N GLY A 486 -6.05 12.69 -25.80
CA GLY A 486 -7.06 12.61 -24.76
C GLY A 486 -6.81 11.46 -23.80
N VAL A 487 -5.57 10.98 -23.76
CA VAL A 487 -5.20 9.88 -22.89
C VAL A 487 -3.80 10.08 -22.29
N TRP A 488 -3.68 9.85 -20.99
CA TRP A 488 -2.40 9.96 -20.30
C TRP A 488 -1.58 8.74 -20.69
N GLY A 489 -0.31 8.96 -21.02
CA GLY A 489 0.55 7.86 -21.41
C GLY A 489 1.97 8.32 -21.63
N PRO A 490 2.89 7.41 -21.98
CA PRO A 490 4.31 7.72 -22.22
C PRO A 490 4.53 8.88 -23.19
N TRP A 491 5.62 9.61 -23.01
CA TRP A 491 5.96 10.72 -23.91
C TRP A 491 7.47 10.79 -24.19
N MET A 492 8.25 9.96 -23.51
CA MET A 492 9.70 9.92 -23.68
C MET A 492 10.17 8.50 -24.03
C1 NAG B . -19.60 -9.55 -7.21
C2 NAG B . -19.56 -8.50 -8.34
C3 NAG B . -21.04 -8.02 -8.49
C4 NAG B . -21.96 -9.22 -8.87
C5 NAG B . -21.77 -10.34 -7.84
C6 NAG B . -22.51 -11.64 -8.17
C7 NAG B . -18.42 -6.55 -7.24
C8 NAG B . -17.35 -5.49 -7.40
N2 NAG B . -18.58 -7.38 -8.25
O3 NAG B . -21.11 -7.03 -9.50
O4 NAG B . -23.35 -8.81 -8.89
O5 NAG B . -20.36 -10.66 -7.73
O6 NAG B . -21.95 -12.17 -9.34
O7 NAG B . -19.07 -6.59 -6.20
C1 NAG B . -24.12 -9.19 -10.07
C2 NAG B . -25.62 -9.34 -9.67
C3 NAG B . -26.56 -9.48 -10.90
C4 NAG B . -26.21 -8.47 -12.04
C5 NAG B . -24.70 -8.56 -12.36
C6 NAG B . -24.20 -7.62 -13.48
C7 NAG B . -26.00 -10.66 -7.62
C8 NAG B . -26.00 -12.07 -7.04
N2 NAG B . -25.68 -10.59 -8.91
O3 NAG B . -27.91 -9.22 -10.52
O4 NAG B . -26.98 -8.77 -13.20
O5 NAG B . -23.95 -8.27 -11.17
O6 NAG B . -24.97 -6.43 -13.59
O7 NAG B . -26.29 -9.68 -6.94
C1 NAG C . 19.32 19.44 8.79
C2 NAG C . 20.26 20.18 7.79
C3 NAG C . 19.58 21.54 7.49
C4 NAG C . 18.29 21.27 6.71
C5 NAG C . 17.35 20.36 7.58
C6 NAG C . 16.16 19.83 6.76
C7 NAG C . 22.07 20.83 9.34
C8 NAG C . 23.59 20.83 9.42
N2 NAG C . 21.66 20.32 8.18
O3 NAG C . 20.43 22.38 6.75
O4 NAG C . 17.66 22.52 6.35
O5 NAG C . 18.07 19.19 8.07
O6 NAG C . 16.48 18.68 6.03
O7 NAG C . 21.31 21.23 10.21
C1 NAG C . 17.30 22.62 4.97
C2 NAG C . 16.49 23.91 4.71
C3 NAG C . 16.11 23.97 3.20
C4 NAG C . 17.39 23.86 2.31
C5 NAG C . 18.10 22.51 2.68
C6 NAG C . 19.35 21.94 1.94
C7 NAG C . 14.40 22.97 5.64
C8 NAG C . 13.28 23.21 6.65
N2 NAG C . 15.32 23.92 5.60
O3 NAG C . 15.39 25.15 2.85
O4 NAG C . 17.04 23.96 0.93
O5 NAG C . 18.44 22.58 4.08
O6 NAG C . 19.85 22.72 0.86
O7 NAG C . 14.41 21.97 4.93
CA CA D . -2.60 4.98 -1.22
CL CL E . 7.79 9.07 4.58
#